data_8UKP
#
_entry.id   8UKP
#
_cell.length_a   118.630
_cell.length_b   118.630
_cell.length_c   57.110
_cell.angle_alpha   90.00
_cell.angle_beta   90.00
_cell.angle_gamma   90.00
#
_symmetry.space_group_name_H-M   'P 41 21 2'
#
loop_
_entity.id
_entity.type
_entity.pdbx_description
1 polymer ARG-GLY-PHE-LEU-ARG-SER-ALA-SER-LEU-GLY-ARG-ARG-ALA-SER-PHE-HIS-LEU
2 polymer 'cAMP-dependent protein kinase catalytic subunit alpha'
3 non-polymer 'MAGNESIUM ION'
4 non-polymer 'PHOSPHOAMINOPHOSPHONIC ACID-ADENYLATE ESTER'
5 water water
#
loop_
_entity_poly.entity_id
_entity_poly.type
_entity_poly.pdbx_seq_one_letter_code
_entity_poly.pdbx_strand_id
1 'polypeptide(L)' RGFLRSASLGRRASFHL C
2 'polypeptide(L)'
;SNAVKEFLAKAKEDFLKKWETPSQNTAQLDQFDRIKTLGTGSFGRVMLVKHKESGNHYAMKILDKQKVVKLKQIEHTLNE
KRILQAVNFPFLVKLEFSFKDNSNLYMVMEYVAGGEMFSHLRRIGRF(SEP)EPHARFYAAQIVLTFEYLHSLDLIYRDL
KPENLLIDQQGYIQVTDFGFAKRVKGRTW(TPO)LCGTPEYLAPEIILSKGYNKAVDWWALGVLIYEMAAGYPPFFADQP
IQIYEKIVSGKVRFPSHFSSDLKDLLRNLLQVDLTKRFGNLKNGVNDIKNHKWFATTDWIAIYQRKVEAPFIPKFKGPGD
TSNFDDYEEEEIRVSINEKCGKEFTEF
;
E
#
loop_
_chem_comp.id
_chem_comp.type
_chem_comp.name
_chem_comp.formula
ANP non-polymer 'PHOSPHOAMINOPHOSPHONIC ACID-ADENYLATE ESTER' 'C10 H17 N6 O12 P3'
MG non-polymer 'MAGNESIUM ION' 'Mg 2'
#
# COMPACT_ATOMS: atom_id res chain seq x y z
N GLY A 2 -28.66 -8.76 -4.53
CA GLY A 2 -27.92 -9.67 -5.39
C GLY A 2 -27.52 -9.04 -6.71
N PHE A 3 -26.98 -7.82 -6.65
CA PHE A 3 -26.55 -7.07 -7.83
C PHE A 3 -25.07 -6.74 -7.72
N LEU A 4 -24.51 -6.29 -8.84
CA LEU A 4 -23.14 -5.78 -8.91
C LEU A 4 -23.25 -4.32 -9.33
N ARG A 5 -23.54 -3.45 -8.37
CA ARG A 5 -23.77 -2.04 -8.65
C ARG A 5 -22.46 -1.32 -8.91
N SER A 6 -22.47 -0.43 -9.91
CA SER A 6 -21.26 0.27 -10.32
C SER A 6 -20.70 1.17 -9.23
N ALA A 7 -21.53 1.64 -8.30
CA ALA A 7 -21.00 2.40 -7.17
C ALA A 7 -20.10 1.56 -6.29
N SER A 8 -20.37 0.26 -6.21
CA SER A 8 -19.50 -0.67 -5.49
C SER A 8 -18.27 -1.06 -6.29
N LEU A 9 -18.18 -0.63 -7.54
CA LEU A 9 -17.04 -0.95 -8.40
C LEU A 9 -16.20 0.27 -8.75
N GLY A 10 -16.62 1.46 -8.34
CA GLY A 10 -15.85 2.66 -8.57
C GLY A 10 -14.65 2.75 -7.64
N ARG A 11 -13.86 3.80 -7.85
CA ARG A 11 -12.70 4.04 -7.01
C ARG A 11 -13.13 4.30 -5.58
N ARG A 12 -12.28 3.89 -4.63
CA ARG A 12 -12.61 3.95 -3.21
C ARG A 12 -11.60 4.81 -2.47
N ALA A 13 -12.10 5.74 -1.68
CA ALA A 13 -11.26 6.61 -0.87
C ALA A 13 -11.06 6.02 0.53
N SER A 14 -10.09 6.56 1.25
CA SER A 14 -9.75 6.10 2.59
C SER A 14 -10.22 7.12 3.62
N PHE A 15 -10.82 6.63 4.70
CA PHE A 15 -11.31 7.46 5.79
C PHE A 15 -10.37 7.40 6.97
N HIS A 16 -10.54 8.35 7.90
CA HIS A 16 -9.73 8.39 9.12
C HIS A 16 -10.56 8.99 10.24
N LEU A 17 -10.58 8.29 11.38
CA LEU A 17 -11.26 8.78 12.57
C LEU A 17 -10.39 8.55 13.81
N LYS B 5 18.23 -15.63 7.68
CA LYS B 5 17.87 -14.30 8.17
C LYS B 5 18.98 -13.30 7.89
N GLU B 6 19.87 -13.64 6.96
CA GLU B 6 20.96 -12.73 6.58
C GLU B 6 20.40 -11.44 6.00
N PHE B 7 19.46 -11.55 5.06
CA PHE B 7 18.80 -10.36 4.53
C PHE B 7 17.87 -9.74 5.57
N LEU B 8 17.35 -10.55 6.50
CA LEU B 8 16.46 -10.03 7.52
C LEU B 8 17.22 -9.15 8.51
N ALA B 9 18.37 -9.64 9.00
CA ALA B 9 19.15 -8.86 9.95
C ALA B 9 19.82 -7.67 9.29
N LYS B 10 20.22 -7.80 8.02
CA LYS B 10 20.80 -6.67 7.31
C LYS B 10 19.76 -5.55 7.12
N ALA B 11 18.52 -5.92 6.83
CA ALA B 11 17.48 -4.92 6.64
C ALA B 11 17.14 -4.21 7.93
N LYS B 12 16.97 -4.97 9.03
CA LYS B 12 16.61 -4.36 10.30
C LYS B 12 17.70 -3.42 10.80
N GLU B 13 18.96 -3.81 10.66
CA GLU B 13 20.07 -2.97 11.12
C GLU B 13 20.13 -1.67 10.32
N ASP B 14 20.09 -1.77 8.99
CA ASP B 14 20.12 -0.58 8.16
C ASP B 14 18.84 0.23 8.27
N PHE B 15 17.73 -0.39 8.69
CA PHE B 15 16.49 0.36 8.91
C PHE B 15 16.54 1.12 10.23
N LEU B 16 16.81 0.41 11.33
CA LEU B 16 16.89 1.06 12.63
C LEU B 16 17.96 2.14 12.66
N LYS B 17 19.01 2.00 11.85
CA LYS B 17 20.02 3.04 11.74
C LYS B 17 19.46 4.25 10.98
N LYS B 18 18.78 4.01 9.86
CA LYS B 18 18.16 5.09 9.13
C LYS B 18 16.96 5.67 9.88
N TRP B 19 16.29 4.85 10.68
CA TRP B 19 15.15 5.33 11.44
C TRP B 19 15.55 6.35 12.48
N GLU B 20 16.68 6.12 13.16
CA GLU B 20 17.13 7.06 14.20
C GLU B 20 17.61 8.37 13.61
N THR B 21 18.20 8.34 12.42
CA THR B 21 18.62 9.57 11.76
C THR B 21 17.80 9.78 10.50
N PRO B 22 16.61 10.39 10.61
CA PRO B 22 15.78 10.61 9.42
C PRO B 22 16.24 11.84 8.65
N SER B 23 16.83 11.59 7.48
CA SER B 23 17.41 12.67 6.70
C SER B 23 16.34 13.65 6.23
N GLN B 24 16.77 14.90 6.01
CA GLN B 24 15.86 15.95 5.60
C GLN B 24 16.66 17.08 4.98
N ASN B 25 15.95 17.96 4.27
CA ASN B 25 16.57 19.09 3.58
C ASN B 25 17.68 18.64 2.65
N THR B 26 17.41 17.57 1.90
CA THR B 26 18.40 16.96 1.02
C THR B 26 18.22 17.35 -0.44
N ALA B 27 17.37 18.33 -0.73
CA ALA B 27 17.19 18.83 -2.08
C ALA B 27 16.49 20.18 -2.01
N GLN B 28 16.33 20.81 -3.16
CA GLN B 28 15.69 22.12 -3.27
C GLN B 28 14.49 22.02 -4.19
N LEU B 29 13.40 22.70 -3.81
CA LEU B 29 12.24 22.79 -4.69
C LEU B 29 12.62 23.41 -6.01
N ASP B 30 13.46 24.45 -5.98
CA ASP B 30 13.82 25.15 -7.21
C ASP B 30 14.59 24.27 -8.16
N GLN B 31 15.32 23.26 -7.64
CA GLN B 31 16.10 22.38 -8.49
C GLN B 31 15.20 21.65 -9.49
N PHE B 32 14.12 21.07 -9.02
CA PHE B 32 13.14 20.46 -9.90
C PHE B 32 12.31 21.53 -10.59
N ASP B 33 11.91 21.26 -11.83
CA ASP B 33 11.03 22.15 -12.57
C ASP B 33 9.61 21.58 -12.59
N ARG B 34 8.62 22.47 -12.53
CA ARG B 34 7.23 22.04 -12.48
C ARG B 34 6.82 21.40 -13.80
N ILE B 35 6.23 20.22 -13.71
CA ILE B 35 5.64 19.54 -14.85
C ILE B 35 4.16 19.29 -14.54
N LYS B 36 3.46 18.58 -15.41
CA LYS B 36 2.03 18.35 -15.21
C LYS B 36 1.77 17.55 -13.94
N THR B 37 0.79 17.98 -13.17
CA THR B 37 0.47 17.32 -11.92
C THR B 37 -0.24 15.99 -12.18
N LEU B 38 -0.22 15.12 -11.18
CA LEU B 38 -0.83 13.80 -11.27
C LEU B 38 -2.16 13.71 -10.54
N GLY B 39 -2.24 14.25 -9.32
CA GLY B 39 -3.47 14.20 -8.55
C GLY B 39 -3.39 15.13 -7.37
N THR B 40 -4.53 15.28 -6.70
CA THR B 40 -4.63 16.16 -5.55
C THR B 40 -5.45 15.48 -4.46
N GLY B 41 -5.30 15.97 -3.23
CA GLY B 41 -6.06 15.47 -2.11
C GLY B 41 -6.55 16.59 -1.22
N SER B 42 -7.17 16.22 -0.09
CA SER B 42 -7.65 17.24 0.84
C SER B 42 -6.50 17.96 1.53
N PHE B 43 -5.35 17.28 1.68
CA PHE B 43 -4.22 17.85 2.41
C PHE B 43 -3.20 18.51 1.49
N GLY B 44 -3.00 17.97 0.31
CA GLY B 44 -2.03 18.55 -0.59
C GLY B 44 -2.25 18.11 -2.02
N ARG B 45 -1.17 18.17 -2.79
CA ARG B 45 -1.20 17.80 -4.20
C ARG B 45 -0.07 16.82 -4.50
N VAL B 46 -0.34 15.89 -5.41
CA VAL B 46 0.63 14.91 -5.86
C VAL B 46 0.98 15.26 -7.31
N MET B 47 2.27 15.45 -7.58
CA MET B 47 2.71 15.94 -8.87
C MET B 47 3.83 15.07 -9.42
N LEU B 48 4.10 15.27 -10.71
CA LEU B 48 5.26 14.71 -11.39
C LEU B 48 6.18 15.85 -11.78
N VAL B 49 7.43 15.80 -11.34
CA VAL B 49 8.39 16.86 -11.60
C VAL B 49 9.62 16.27 -12.28
N LYS B 50 10.39 17.15 -12.92
CA LYS B 50 11.60 16.77 -13.63
C LYS B 50 12.78 17.53 -13.05
N HIS B 51 13.85 16.82 -12.71
CA HIS B 51 15.07 17.43 -12.22
C HIS B 51 15.95 17.83 -13.40
N LYS B 52 16.61 18.99 -13.25
CA LYS B 52 17.43 19.50 -14.35
C LYS B 52 18.63 18.61 -14.62
N GLU B 53 19.18 17.98 -13.58
CA GLU B 53 20.29 17.04 -13.77
C GLU B 53 19.77 15.70 -14.29
N SER B 54 20.55 14.64 -14.09
CA SER B 54 20.16 13.32 -14.59
C SER B 54 18.98 12.72 -13.85
N GLY B 55 18.53 13.34 -12.74
CA GLY B 55 17.37 12.82 -12.03
C GLY B 55 16.13 12.78 -12.89
N ASN B 56 15.82 13.91 -13.54
CA ASN B 56 14.72 14.02 -14.51
C ASN B 56 13.42 13.69 -13.79
N HIS B 57 12.57 12.80 -14.33
CA HIS B 57 11.21 12.64 -13.84
C HIS B 57 11.18 12.12 -12.42
N TYR B 58 10.26 12.69 -11.62
CA TYR B 58 10.10 12.31 -10.21
C TYR B 58 8.68 12.67 -9.79
N ALA B 59 8.10 11.84 -8.92
CA ALA B 59 6.78 12.09 -8.35
C ALA B 59 6.95 12.71 -6.97
N MET B 60 6.31 13.86 -6.76
CA MET B 60 6.50 14.62 -5.53
C MET B 60 5.16 15.03 -4.95
N LYS B 61 5.05 14.98 -3.63
CA LYS B 61 3.86 15.42 -2.91
C LYS B 61 4.15 16.75 -2.21
N ILE B 62 3.19 17.67 -2.30
CA ILE B 62 3.28 18.98 -1.68
C ILE B 62 2.12 19.10 -0.70
N LEU B 63 2.43 19.04 0.60
CA LEU B 63 1.41 19.08 1.64
C LEU B 63 1.48 20.40 2.39
N ASP B 64 0.32 20.94 2.74
CA ASP B 64 0.24 22.20 3.47
C ASP B 64 0.16 21.92 4.98
N LYS B 65 0.91 22.71 5.75
CA LYS B 65 0.91 22.53 7.20
C LYS B 65 -0.47 22.81 7.80
N GLN B 66 -1.24 23.71 7.17
CA GLN B 66 -2.58 23.97 7.63
C GLN B 66 -3.44 22.71 7.63
N LYS B 67 -3.28 21.88 6.60
CA LYS B 67 -4.19 20.76 6.39
C LYS B 67 -3.98 19.67 7.44
N VAL B 68 -2.73 19.35 7.75
CA VAL B 68 -2.45 18.27 8.69
C VAL B 68 -2.72 18.69 10.13
N VAL B 69 -2.68 19.99 10.42
CA VAL B 69 -2.99 20.48 11.77
C VAL B 69 -4.50 20.62 11.96
N LYS B 70 -5.24 20.85 10.88
CA LYS B 70 -6.67 21.19 11.00
C LYS B 70 -7.49 20.00 11.48
N LEU B 71 -7.29 18.83 10.88
CA LEU B 71 -8.07 17.63 11.22
C LEU B 71 -7.27 16.67 12.10
N LYS B 72 -6.20 17.13 12.73
CA LYS B 72 -5.36 16.30 13.59
C LYS B 72 -4.75 15.12 12.85
N GLN B 73 -4.67 15.20 11.53
CA GLN B 73 -4.00 14.19 10.71
C GLN B 73 -2.48 14.27 10.83
N ILE B 74 -1.97 15.18 11.66
CA ILE B 74 -0.53 15.35 11.84
C ILE B 74 0.13 14.08 12.35
N GLU B 75 -0.63 13.21 13.01
CA GLU B 75 -0.05 11.99 13.56
C GLU B 75 0.43 11.06 12.45
N HIS B 76 -0.30 11.00 11.34
CA HIS B 76 0.04 10.10 10.24
C HIS B 76 1.01 10.70 9.24
N THR B 77 1.12 12.04 9.19
CA THR B 77 2.04 12.66 8.24
C THR B 77 3.48 12.59 8.74
N LEU B 78 3.69 12.52 10.05
CA LEU B 78 5.04 12.36 10.57
C LEU B 78 5.51 10.91 10.47
N ASN B 79 4.60 9.96 10.70
CA ASN B 79 4.96 8.55 10.52
C ASN B 79 5.27 8.25 9.06
N GLU B 80 4.58 8.90 8.13
CA GLU B 80 4.70 8.56 6.72
C GLU B 80 6.11 8.83 6.20
N LYS B 81 6.61 10.05 6.41
CA LYS B 81 7.93 10.40 5.90
C LYS B 81 9.02 9.56 6.55
N ARG B 82 8.95 9.37 7.86
CA ARG B 82 9.99 8.64 8.57
C ARG B 82 10.07 7.19 8.13
N ILE B 83 8.91 6.56 7.91
CA ILE B 83 8.90 5.18 7.44
C ILE B 83 9.45 5.09 6.02
N LEU B 84 9.11 6.06 5.18
CA LEU B 84 9.54 6.03 3.78
C LEU B 84 11.05 6.17 3.65
N GLN B 85 11.63 7.17 4.33
CA GLN B 85 13.07 7.42 4.19
C GLN B 85 13.93 6.33 4.80
N ALA B 86 13.35 5.42 5.59
CA ALA B 86 14.13 4.40 6.28
C ALA B 86 14.00 3.02 5.66
N VAL B 87 12.99 2.78 4.83
CA VAL B 87 12.79 1.47 4.21
C VAL B 87 13.54 1.42 2.88
N ASN B 88 13.83 0.20 2.44
CA ASN B 88 14.55 -0.02 1.18
C ASN B 88 14.13 -1.39 0.65
N PHE B 89 13.09 -1.40 -0.19
CA PHE B 89 12.55 -2.63 -0.76
C PHE B 89 12.19 -2.39 -2.21
N PRO B 90 12.29 -3.42 -3.05
CA PRO B 90 11.96 -3.21 -4.48
C PRO B 90 10.52 -2.80 -4.73
N PHE B 91 9.57 -3.39 -4.00
CA PHE B 91 8.16 -3.17 -4.25
C PHE B 91 7.61 -1.96 -3.50
N LEU B 92 8.43 -1.27 -2.72
CA LEU B 92 8.05 -0.02 -2.08
C LEU B 92 8.57 1.15 -2.91
N VAL B 93 7.73 2.18 -3.05
CA VAL B 93 8.15 3.36 -3.79
C VAL B 93 9.32 4.01 -3.09
N LYS B 94 10.42 4.21 -3.81
CA LYS B 94 11.63 4.77 -3.21
C LYS B 94 11.43 6.26 -2.95
N LEU B 95 11.64 6.67 -1.70
CA LEU B 95 11.70 8.09 -1.37
C LEU B 95 13.11 8.58 -1.62
N GLU B 96 13.24 9.60 -2.46
CA GLU B 96 14.55 10.08 -2.91
C GLU B 96 14.98 11.37 -2.25
N PHE B 97 14.12 12.40 -2.24
CA PHE B 97 14.47 13.69 -1.70
C PHE B 97 13.36 14.18 -0.78
N SER B 98 13.76 14.79 0.34
CA SER B 98 12.81 15.26 1.34
C SER B 98 13.31 16.58 1.93
N PHE B 99 12.44 17.59 1.92
CA PHE B 99 12.76 18.89 2.48
C PHE B 99 11.46 19.64 2.76
N LYS B 100 11.55 20.63 3.64
CA LYS B 100 10.39 21.39 4.07
C LYS B 100 10.57 22.86 3.71
N ASP B 101 9.44 23.57 3.65
CA ASP B 101 9.41 25.00 3.39
C ASP B 101 8.60 25.69 4.48
N ASN B 102 8.42 27.00 4.33
CA ASN B 102 7.65 27.77 5.30
C ASN B 102 6.18 27.39 5.32
N SER B 103 5.67 26.80 4.23
CA SER B 103 4.25 26.47 4.15
C SER B 103 3.95 25.13 3.51
N ASN B 104 4.93 24.42 2.95
CA ASN B 104 4.66 23.18 2.23
C ASN B 104 5.70 22.12 2.55
N LEU B 105 5.29 20.87 2.39
CA LEU B 105 6.14 19.70 2.53
C LEU B 105 6.54 19.18 1.15
N TYR B 106 7.61 18.38 1.11
CA TYR B 106 8.13 17.87 -0.15
C TYR B 106 8.69 16.48 0.07
N MET B 107 8.03 15.48 -0.53
CA MET B 107 8.51 14.10 -0.53
C MET B 107 8.70 13.69 -2.00
N VAL B 108 9.93 13.82 -2.48
CA VAL B 108 10.26 13.44 -3.86
C VAL B 108 10.46 11.93 -3.89
N MET B 109 9.54 11.24 -4.56
CA MET B 109 9.60 9.79 -4.71
C MET B 109 9.60 9.43 -6.20
N GLU B 110 9.85 8.16 -6.48
CA GLU B 110 9.90 7.71 -7.87
C GLU B 110 8.53 7.81 -8.53
N TYR B 111 8.53 8.26 -9.79
CA TYR B 111 7.31 8.26 -10.57
C TYR B 111 7.07 6.87 -11.16
N VAL B 112 5.84 6.39 -11.04
CA VAL B 112 5.44 5.09 -11.54
C VAL B 112 4.45 5.34 -12.69
N ALA B 113 4.78 4.80 -13.87
CA ALA B 113 4.10 5.19 -15.09
C ALA B 113 2.85 4.37 -15.39
N GLY B 114 2.86 3.08 -15.09
CA GLY B 114 1.79 2.19 -15.54
C GLY B 114 0.44 2.49 -14.94
N GLY B 115 0.39 3.21 -13.82
CA GLY B 115 -0.88 3.58 -13.23
C GLY B 115 -1.38 2.60 -12.19
N GLU B 116 -2.49 2.97 -11.58
CA GLU B 116 -3.07 2.15 -10.51
C GLU B 116 -3.57 0.82 -11.06
N MET B 117 -3.33 -0.24 -10.30
CA MET B 117 -3.83 -1.56 -10.69
C MET B 117 -5.35 -1.58 -10.75
N PHE B 118 -6.01 -0.73 -9.96
CA PHE B 118 -7.46 -0.63 -9.99
C PHE B 118 -7.97 -0.32 -11.40
N SER B 119 -7.22 0.50 -12.15
CA SER B 119 -7.63 0.84 -13.50
C SER B 119 -7.54 -0.38 -14.42
N HIS B 120 -6.38 -1.04 -14.44
CA HIS B 120 -6.21 -2.20 -15.32
C HIS B 120 -7.14 -3.33 -14.94
N LEU B 121 -7.34 -3.55 -13.64
CA LEU B 121 -8.24 -4.62 -13.19
C LEU B 121 -9.67 -4.37 -13.66
N ARG B 122 -10.14 -3.13 -13.55
CA ARG B 122 -11.51 -2.82 -13.96
C ARG B 122 -11.66 -2.92 -15.48
N ARG B 123 -10.63 -2.54 -16.23
CA ARG B 123 -10.67 -2.67 -17.68
C ARG B 123 -10.80 -4.14 -18.09
N ILE B 124 -9.84 -4.97 -17.66
CA ILE B 124 -9.82 -6.37 -18.05
C ILE B 124 -11.02 -7.11 -17.48
N GLY B 125 -11.47 -6.73 -16.28
CA GLY B 125 -12.51 -7.45 -15.60
C GLY B 125 -11.96 -8.30 -14.48
N ARG B 126 -11.16 -9.31 -14.83
CA ARG B 126 -10.52 -10.17 -13.86
C ARG B 126 -9.09 -10.45 -14.30
N PHE B 127 -8.24 -10.74 -13.33
CA PHE B 127 -6.90 -11.24 -13.63
C PHE B 127 -6.90 -12.76 -13.54
N SEP B 128 -6.24 -13.41 -14.49
CA SEP B 128 -6.02 -14.85 -14.42
CB SEP B 128 -5.23 -15.34 -15.62
OG SEP B 128 -3.95 -14.73 -15.66
C SEP B 128 -5.29 -15.17 -13.11
O SEP B 128 -4.53 -14.34 -12.62
P SEP B 128 -3.18 -15.07 -17.04
O1P SEP B 128 -3.64 -16.51 -17.57
O2P SEP B 128 -1.59 -15.07 -16.76
O3P SEP B 128 -3.52 -13.95 -18.14
N GLU B 129 -5.53 -16.35 -12.56
CA GLU B 129 -4.88 -16.74 -11.31
C GLU B 129 -3.35 -16.67 -11.37
N PRO B 130 -2.73 -17.03 -12.51
CA PRO B 130 -1.29 -16.71 -12.67
C PRO B 130 -1.01 -15.23 -12.62
N HIS B 131 -1.84 -14.41 -13.26
CA HIS B 131 -1.66 -12.95 -13.19
C HIS B 131 -1.81 -12.45 -11.76
N ALA B 132 -2.73 -13.04 -11.00
CA ALA B 132 -2.91 -12.65 -9.60
C ALA B 132 -1.75 -13.13 -8.74
N ARG B 133 -1.24 -14.33 -9.01
CA ARG B 133 -0.15 -14.87 -8.20
C ARG B 133 1.11 -14.02 -8.32
N PHE B 134 1.35 -13.46 -9.51
CA PHE B 134 2.51 -12.60 -9.69
C PHE B 134 2.41 -11.34 -8.84
N TYR B 135 1.23 -10.72 -8.81
CA TYR B 135 1.05 -9.51 -8.01
C TYR B 135 0.98 -9.82 -6.52
N ALA B 136 0.35 -10.94 -6.17
CA ALA B 136 0.20 -11.29 -4.75
C ALA B 136 1.54 -11.64 -4.12
N ALA B 137 2.41 -12.33 -4.87
CA ALA B 137 3.69 -12.76 -4.32
C ALA B 137 4.54 -11.56 -3.90
N GLN B 138 4.48 -10.48 -4.66
CA GLN B 138 5.24 -9.27 -4.29
C GLN B 138 4.73 -8.67 -2.99
N ILE B 139 3.41 -8.72 -2.77
CA ILE B 139 2.84 -8.19 -1.54
C ILE B 139 3.26 -9.02 -0.34
N VAL B 140 3.29 -10.35 -0.50
CA VAL B 140 3.69 -11.23 0.59
C VAL B 140 5.10 -10.91 1.04
N LEU B 141 6.02 -10.75 0.08
CA LEU B 141 7.39 -10.35 0.41
C LEU B 141 7.41 -8.94 0.98
N THR B 142 6.54 -8.06 0.50
CA THR B 142 6.49 -6.69 1.01
C THR B 142 5.99 -6.67 2.46
N PHE B 143 5.05 -7.56 2.79
CA PHE B 143 4.55 -7.62 4.16
C PHE B 143 5.59 -8.26 5.09
N GLU B 144 6.23 -9.34 4.64
CA GLU B 144 7.27 -9.96 5.45
C GLU B 144 8.39 -8.97 5.77
N TYR B 145 8.72 -8.11 4.82
CA TYR B 145 9.73 -7.09 5.06
C TYR B 145 9.24 -6.04 6.05
N LEU B 146 7.98 -5.63 5.94
CA LEU B 146 7.45 -4.61 6.84
C LEU B 146 7.10 -5.18 8.20
N HIS B 147 6.77 -6.48 8.28
CA HIS B 147 6.44 -7.07 9.58
C HIS B 147 7.69 -7.41 10.38
N SER B 148 8.79 -7.76 9.72
CA SER B 148 10.06 -7.93 10.42
C SER B 148 10.56 -6.60 10.99
N LEU B 149 10.12 -5.48 10.43
CA LEU B 149 10.39 -4.16 10.98
C LEU B 149 9.26 -3.67 11.86
N ASP B 150 8.31 -4.55 12.22
CA ASP B 150 7.19 -4.26 13.13
C ASP B 150 6.20 -3.26 12.56
N LEU B 151 6.21 -3.03 11.24
CA LEU B 151 5.34 -2.06 10.60
C LEU B 151 4.07 -2.73 10.08
N ILE B 152 2.97 -2.00 10.15
CA ILE B 152 1.69 -2.42 9.57
C ILE B 152 1.30 -1.42 8.49
N TYR B 153 0.69 -1.92 7.41
CA TYR B 153 0.39 -1.09 6.26
C TYR B 153 -0.98 -0.42 6.36
N ARG B 154 -2.03 -1.20 6.59
CA ARG B 154 -3.38 -0.71 6.92
C ARG B 154 -4.05 0.02 5.78
N ASP B 155 -3.62 -0.16 4.53
CA ASP B 155 -4.34 0.46 3.42
C ASP B 155 -4.10 -0.28 2.11
N LEU B 156 -4.10 -1.60 2.15
CA LEU B 156 -3.92 -2.38 0.93
C LEU B 156 -5.21 -2.33 0.11
N LYS B 157 -5.08 -1.89 -1.14
CA LYS B 157 -6.19 -1.87 -2.08
C LYS B 157 -5.65 -1.60 -3.49
N PRO B 158 -6.34 -2.07 -4.53
CA PRO B 158 -5.84 -1.84 -5.90
C PRO B 158 -5.54 -0.39 -6.22
N GLU B 159 -6.27 0.54 -5.62
CA GLU B 159 -6.03 1.97 -5.85
C GLU B 159 -4.71 2.45 -5.28
N ASN B 160 -4.05 1.64 -4.45
CA ASN B 160 -2.75 1.99 -3.87
C ASN B 160 -1.63 1.09 -4.38
N LEU B 161 -1.86 0.34 -5.45
CA LEU B 161 -0.85 -0.51 -6.05
C LEU B 161 -0.55 0.02 -7.46
N LEU B 162 0.65 0.54 -7.66
CA LEU B 162 1.06 1.10 -8.93
C LEU B 162 1.91 0.10 -9.70
N ILE B 163 1.73 0.09 -11.02
CA ILE B 163 2.48 -0.79 -11.92
C ILE B 163 3.59 0.02 -12.54
N ASP B 164 4.83 -0.43 -12.40
CA ASP B 164 5.93 0.25 -13.07
C ASP B 164 6.02 -0.22 -14.53
N GLN B 165 6.86 0.46 -15.30
CA GLN B 165 6.97 0.13 -16.73
C GLN B 165 7.58 -1.24 -16.98
N GLN B 166 8.00 -1.96 -15.94
CA GLN B 166 8.43 -3.35 -16.06
C GLN B 166 7.34 -4.33 -15.64
N GLY B 167 6.14 -3.83 -15.34
CA GLY B 167 5.04 -4.70 -14.96
C GLY B 167 5.04 -5.15 -13.52
N TYR B 168 5.79 -4.48 -12.64
CA TYR B 168 5.91 -4.87 -11.24
C TYR B 168 5.14 -3.90 -10.35
N ILE B 169 5.04 -4.28 -9.09
CA ILE B 169 4.24 -3.56 -8.11
C ILE B 169 5.08 -2.48 -7.44
N GLN B 170 4.46 -1.32 -7.21
CA GLN B 170 5.07 -0.24 -6.42
C GLN B 170 3.99 0.29 -5.48
N VAL B 171 4.08 -0.09 -4.21
CA VAL B 171 3.11 0.32 -3.20
C VAL B 171 3.37 1.77 -2.82
N THR B 172 2.33 2.61 -2.86
CA THR B 172 2.50 4.05 -2.79
C THR B 172 2.09 4.65 -1.45
N ASP B 173 0.86 4.43 -1.01
CA ASP B 173 0.30 5.21 0.10
C ASP B 173 0.77 4.67 1.44
N PHE B 174 1.38 5.54 2.24
CA PHE B 174 1.89 5.16 3.56
C PHE B 174 1.29 6.01 4.68
N GLY B 175 0.17 6.68 4.43
CA GLY B 175 -0.46 7.52 5.43
C GLY B 175 -0.80 6.78 6.70
N PHE B 176 -1.57 5.70 6.58
CA PHE B 176 -2.02 4.94 7.75
C PHE B 176 -0.96 3.98 8.28
N ALA B 177 0.29 4.12 7.85
CA ALA B 177 1.35 3.24 8.32
C ALA B 177 1.82 3.66 9.71
N LYS B 178 2.34 2.69 10.44
CA LYS B 178 2.83 2.85 11.80
C LYS B 178 3.43 1.52 12.23
N ARG B 179 4.45 1.59 13.08
CA ARG B 179 5.07 0.39 13.63
C ARG B 179 4.54 0.16 15.04
N VAL B 180 4.01 -1.04 15.28
CA VAL B 180 3.53 -1.45 16.59
C VAL B 180 4.09 -2.83 16.89
N LYS B 181 4.56 -3.01 18.11
CA LYS B 181 5.02 -4.31 18.57
C LYS B 181 3.91 -5.12 19.22
N GLY B 182 2.82 -4.48 19.64
CA GLY B 182 1.72 -5.17 20.27
C GLY B 182 0.41 -5.01 19.52
N ARG B 183 -0.33 -3.94 19.81
CA ARG B 183 -1.63 -3.70 19.18
C ARG B 183 -1.87 -2.20 19.06
N THR B 184 -2.87 -1.86 18.24
CA THR B 184 -3.31 -0.48 18.07
C THR B 184 -4.81 -0.48 17.87
N TRP B 185 -5.40 0.72 17.77
CA TRP B 185 -6.85 0.84 17.77
C TRP B 185 -7.44 1.85 16.77
N TPO B 186 -6.58 2.55 16.04
CA TPO B 186 -7.05 3.63 15.16
CB TPO B 186 -5.87 4.46 14.67
CG2 TPO B 186 -6.37 5.61 13.80
OG1 TPO B 186 -5.14 4.98 15.78
P TPO B 186 -3.59 4.83 15.44
O1P TPO B 186 -3.29 3.30 15.01
O2P TPO B 186 -2.70 5.20 16.75
O3P TPO B 186 -3.21 5.74 14.33
C TPO B 186 -7.86 3.12 13.97
O TPO B 186 -7.43 2.22 13.26
N LEU B 187 -9.04 3.69 13.78
CA LEU B 187 -9.92 3.31 12.69
C LEU B 187 -9.53 3.97 11.38
N CYS B 188 -8.81 3.24 10.54
CA CYS B 188 -8.31 3.76 9.28
C CYS B 188 -8.34 2.67 8.23
N GLY B 189 -8.59 3.07 6.97
CA GLY B 189 -8.61 2.13 5.87
C GLY B 189 -9.76 2.36 4.90
N THR B 190 -10.21 1.28 4.28
CA THR B 190 -11.34 1.30 3.36
C THR B 190 -12.35 0.26 3.84
N PRO B 191 -13.64 0.57 3.90
CA PRO B 191 -14.60 -0.37 4.52
C PRO B 191 -14.57 -1.77 3.93
N GLU B 192 -14.35 -1.89 2.63
CA GLU B 192 -14.36 -3.19 1.97
C GLU B 192 -13.09 -3.99 2.20
N TYR B 193 -12.08 -3.40 2.86
CA TYR B 193 -10.85 -4.10 3.17
C TYR B 193 -10.53 -4.15 4.66
N LEU B 194 -11.43 -3.67 5.52
CA LEU B 194 -11.19 -3.69 6.96
C LEU B 194 -11.30 -5.10 7.51
N ALA B 195 -10.37 -5.45 8.39
CA ALA B 195 -10.41 -6.75 9.03
C ALA B 195 -11.49 -6.78 10.12
N PRO B 196 -11.99 -7.98 10.47
CA PRO B 196 -13.04 -8.03 11.50
C PRO B 196 -12.62 -7.43 12.84
N GLU B 197 -11.37 -7.65 13.25
CA GLU B 197 -10.90 -7.11 14.53
C GLU B 197 -10.83 -5.59 14.54
N ILE B 198 -10.90 -4.94 13.37
CA ILE B 198 -10.93 -3.48 13.34
C ILE B 198 -12.35 -2.97 13.56
N ILE B 199 -13.33 -3.65 12.96
CA ILE B 199 -14.72 -3.19 13.06
C ILE B 199 -15.26 -3.40 14.47
N LEU B 200 -14.89 -4.50 15.11
CA LEU B 200 -15.38 -4.84 16.44
C LEU B 200 -14.80 -3.97 17.55
N SER B 201 -14.02 -2.95 17.20
CA SER B 201 -13.36 -2.05 18.16
C SER B 201 -12.39 -2.76 19.08
N LYS B 202 -12.14 -4.05 18.86
CA LYS B 202 -11.08 -4.74 19.58
C LYS B 202 -9.72 -4.30 19.04
N GLY B 203 -8.69 -4.56 19.83
CA GLY B 203 -7.35 -4.28 19.36
C GLY B 203 -6.96 -5.18 18.20
N TYR B 204 -6.06 -4.66 17.36
CA TYR B 204 -5.59 -5.39 16.20
C TYR B 204 -4.10 -5.18 16.04
N ASN B 205 -3.44 -6.21 15.56
CA ASN B 205 -2.00 -6.29 15.41
C ASN B 205 -1.64 -6.39 13.92
N LYS B 206 -0.50 -6.98 13.60
CA LYS B 206 -0.05 -7.11 12.21
C LYS B 206 -0.92 -8.04 11.38
N ALA B 207 -1.86 -8.76 11.99
CA ALA B 207 -2.68 -9.72 11.27
C ALA B 207 -3.71 -9.07 10.36
N VAL B 208 -3.91 -7.75 10.44
CA VAL B 208 -4.90 -7.12 9.60
C VAL B 208 -4.44 -7.07 8.15
N ASP B 209 -3.12 -7.00 7.92
CA ASP B 209 -2.62 -6.96 6.55
C ASP B 209 -2.79 -8.30 5.85
N TRP B 210 -2.70 -9.41 6.58
CA TRP B 210 -2.93 -10.71 5.97
C TRP B 210 -4.40 -10.92 5.65
N TRP B 211 -5.30 -10.25 6.38
CA TRP B 211 -6.70 -10.21 5.97
C TRP B 211 -6.86 -9.41 4.69
N ALA B 212 -6.24 -8.23 4.62
CA ALA B 212 -6.33 -7.40 3.43
C ALA B 212 -5.75 -8.10 2.21
N LEU B 213 -4.73 -8.95 2.41
CA LEU B 213 -4.18 -9.72 1.30
C LEU B 213 -5.21 -10.67 0.72
N GLY B 214 -5.97 -11.35 1.58
CA GLY B 214 -7.01 -12.24 1.10
C GLY B 214 -8.09 -11.52 0.33
N VAL B 215 -8.40 -10.28 0.73
CA VAL B 215 -9.36 -9.48 -0.03
C VAL B 215 -8.77 -9.06 -1.37
N LEU B 216 -7.49 -8.66 -1.38
CA LEU B 216 -6.86 -8.21 -2.60
C LEU B 216 -6.77 -9.34 -3.63
N ILE B 217 -6.40 -10.54 -3.18
CA ILE B 217 -6.35 -11.69 -4.09
C ILE B 217 -7.75 -12.02 -4.59
N TYR B 218 -8.75 -11.97 -3.70
CA TYR B 218 -10.12 -12.24 -4.11
C TYR B 218 -10.57 -11.26 -5.19
N GLU B 219 -10.23 -9.98 -5.04
CA GLU B 219 -10.68 -8.98 -6.01
C GLU B 219 -9.95 -9.11 -7.34
N MET B 220 -8.70 -9.56 -7.33
CA MET B 220 -7.97 -9.74 -8.58
C MET B 220 -8.58 -10.88 -9.39
N ALA B 221 -8.84 -12.02 -8.76
CA ALA B 221 -9.27 -13.20 -9.48
C ALA B 221 -10.76 -13.17 -9.81
N ALA B 222 -11.58 -12.55 -8.95
CA ALA B 222 -13.01 -12.50 -9.18
C ALA B 222 -13.46 -11.28 -9.97
N GLY B 223 -12.78 -10.15 -9.81
CA GLY B 223 -13.18 -8.91 -10.41
C GLY B 223 -14.00 -8.00 -9.52
N TYR B 224 -14.31 -8.43 -8.30
CA TYR B 224 -15.08 -7.66 -7.35
C TYR B 224 -14.66 -8.07 -5.94
N PRO B 225 -14.77 -7.18 -4.97
CA PRO B 225 -14.35 -7.52 -3.60
C PRO B 225 -15.29 -8.53 -2.97
N PRO B 226 -14.83 -9.27 -1.96
CA PRO B 226 -15.69 -10.33 -1.39
C PRO B 226 -16.86 -9.80 -0.58
N PHE B 227 -16.75 -8.62 0.03
CA PHE B 227 -17.82 -8.06 0.84
C PHE B 227 -18.23 -6.71 0.27
N PHE B 228 -19.50 -6.59 -0.11
CA PHE B 228 -20.01 -5.36 -0.68
C PHE B 228 -21.52 -5.32 -0.51
N ALA B 229 -22.05 -4.11 -0.38
CA ALA B 229 -23.49 -3.90 -0.21
C ALA B 229 -23.78 -2.42 -0.44
N ASP B 230 -25.08 -2.08 -0.42
CA ASP B 230 -25.48 -0.69 -0.63
C ASP B 230 -24.95 0.21 0.47
N GLN B 231 -25.10 -0.21 1.73
CA GLN B 231 -24.72 0.61 2.86
C GLN B 231 -23.46 0.06 3.52
N PRO B 232 -22.56 0.94 3.99
CA PRO B 232 -21.34 0.46 4.65
C PRO B 232 -21.61 -0.35 5.90
N ILE B 233 -22.74 -0.12 6.57
CA ILE B 233 -23.04 -0.87 7.78
C ILE B 233 -23.34 -2.33 7.45
N GLN B 234 -23.84 -2.61 6.25
CA GLN B 234 -24.03 -3.99 5.82
C GLN B 234 -22.68 -4.66 5.55
N ILE B 235 -21.73 -3.90 5.02
CA ILE B 235 -20.40 -4.45 4.77
C ILE B 235 -19.77 -4.95 6.06
N TYR B 236 -19.94 -4.20 7.15
CA TYR B 236 -19.37 -4.60 8.42
C TYR B 236 -20.01 -5.88 8.94
N GLU B 237 -21.32 -6.03 8.74
CA GLU B 237 -21.98 -7.27 9.14
C GLU B 237 -21.48 -8.45 8.31
N LYS B 238 -21.28 -8.23 7.01
CA LYS B 238 -20.75 -9.31 6.16
C LYS B 238 -19.33 -9.67 6.54
N ILE B 239 -18.51 -8.67 6.88
CA ILE B 239 -17.11 -8.94 7.20
C ILE B 239 -17.00 -9.76 8.48
N VAL B 240 -17.79 -9.42 9.50
CA VAL B 240 -17.70 -10.14 10.78
C VAL B 240 -18.45 -11.46 10.75
N SER B 241 -19.34 -11.68 9.76
CA SER B 241 -20.11 -12.91 9.73
C SER B 241 -19.23 -14.12 9.43
N GLY B 242 -18.18 -13.94 8.64
CA GLY B 242 -17.32 -15.05 8.29
C GLY B 242 -17.84 -15.94 7.20
N LYS B 243 -18.75 -15.45 6.36
CA LYS B 243 -19.33 -16.23 5.27
C LYS B 243 -18.91 -15.58 3.96
N VAL B 244 -18.06 -16.29 3.20
CA VAL B 244 -17.55 -15.81 1.91
C VAL B 244 -17.95 -16.82 0.85
N ARG B 245 -18.58 -16.34 -0.22
CA ARG B 245 -18.97 -17.17 -1.34
C ARG B 245 -17.98 -16.97 -2.48
N PHE B 246 -17.28 -18.04 -2.85
CA PHE B 246 -16.24 -17.95 -3.86
C PHE B 246 -16.83 -18.14 -5.26
N PRO B 247 -16.28 -17.43 -6.25
CA PRO B 247 -16.73 -17.63 -7.63
C PRO B 247 -16.48 -19.05 -8.12
N SER B 248 -17.20 -19.43 -9.17
CA SER B 248 -17.07 -20.78 -9.70
C SER B 248 -15.69 -21.02 -10.29
N HIS B 249 -15.19 -20.09 -11.10
CA HIS B 249 -13.91 -20.24 -11.78
C HIS B 249 -12.71 -20.22 -10.84
N PHE B 250 -12.90 -20.16 -9.52
CA PHE B 250 -11.79 -20.21 -8.60
C PHE B 250 -11.22 -21.63 -8.54
N SER B 251 -9.89 -21.71 -8.41
CA SER B 251 -9.22 -23.00 -8.27
C SER B 251 -9.39 -23.52 -6.84
N SER B 252 -9.07 -24.80 -6.66
CA SER B 252 -9.13 -25.40 -5.33
C SER B 252 -8.03 -24.84 -4.43
N ASP B 253 -6.85 -24.57 -5.00
CA ASP B 253 -5.76 -24.02 -4.20
C ASP B 253 -6.06 -22.59 -3.76
N LEU B 254 -6.70 -21.80 -4.63
CA LEU B 254 -6.98 -20.41 -4.30
C LEU B 254 -8.05 -20.30 -3.23
N LYS B 255 -9.13 -21.07 -3.37
CA LYS B 255 -10.20 -21.03 -2.37
C LYS B 255 -9.69 -21.47 -1.00
N ASP B 256 -8.76 -22.43 -0.97
CA ASP B 256 -8.18 -22.86 0.29
C ASP B 256 -7.33 -21.76 0.91
N LEU B 257 -6.53 -21.07 0.10
CA LEU B 257 -5.67 -20.02 0.62
C LEU B 257 -6.49 -18.86 1.17
N LEU B 258 -7.61 -18.55 0.54
CA LEU B 258 -8.42 -17.41 0.99
C LEU B 258 -9.12 -17.69 2.30
N ARG B 259 -9.61 -18.93 2.50
CA ARG B 259 -10.27 -19.26 3.76
C ARG B 259 -9.32 -19.12 4.94
N ASN B 260 -8.02 -19.37 4.72
CA ASN B 260 -7.06 -19.17 5.79
C ASN B 260 -6.68 -17.70 5.94
N LEU B 261 -6.61 -16.97 4.82
CA LEU B 261 -6.30 -15.54 4.87
C LEU B 261 -7.50 -14.76 5.41
N LEU B 262 -8.69 -15.04 4.89
CA LEU B 262 -9.91 -14.38 5.36
C LEU B 262 -10.51 -15.10 6.56
N GLN B 263 -9.67 -15.49 7.52
CA GLN B 263 -10.12 -16.15 8.73
C GLN B 263 -10.46 -15.10 9.78
N VAL B 264 -11.68 -15.17 10.31
CA VAL B 264 -12.09 -14.21 11.33
C VAL B 264 -11.34 -14.46 12.64
N ASP B 265 -10.99 -15.72 12.93
CA ASP B 265 -10.21 -16.04 14.12
C ASP B 265 -8.79 -15.52 13.92
N LEU B 266 -8.42 -14.51 14.72
CA LEU B 266 -7.14 -13.83 14.54
C LEU B 266 -5.96 -14.77 14.69
N THR B 267 -6.11 -15.90 15.40
CA THR B 267 -5.01 -16.80 15.66
C THR B 267 -5.05 -18.07 14.81
N LYS B 268 -6.00 -18.17 13.88
CA LYS B 268 -6.01 -19.25 12.89
C LYS B 268 -5.77 -18.72 11.48
N ARG B 269 -5.24 -17.50 11.36
CA ARG B 269 -5.03 -16.85 10.08
C ARG B 269 -3.57 -16.94 9.67
N PHE B 270 -3.33 -17.22 8.39
CA PHE B 270 -1.97 -17.31 7.89
C PHE B 270 -1.25 -15.98 8.06
N GLY B 271 0.08 -16.06 8.10
CA GLY B 271 0.91 -14.91 8.43
C GLY B 271 0.91 -14.54 9.90
N ASN B 272 0.06 -15.15 10.72
CA ASN B 272 0.03 -14.93 12.16
C ASN B 272 0.37 -16.16 12.97
N LEU B 273 0.45 -17.33 12.32
CA LEU B 273 0.72 -18.58 13.03
C LEU B 273 2.20 -18.64 13.42
N LYS B 274 2.63 -19.80 13.93
CA LYS B 274 4.01 -19.96 14.37
C LYS B 274 4.97 -19.94 13.18
N ASN B 275 4.59 -20.60 12.07
CA ASN B 275 5.46 -20.63 10.91
C ASN B 275 5.63 -19.23 10.30
N GLY B 276 4.59 -18.42 10.34
CA GLY B 276 4.69 -17.04 9.89
C GLY B 276 4.43 -16.91 8.41
N VAL B 277 5.37 -16.28 7.69
CA VAL B 277 5.14 -15.95 6.29
C VAL B 277 5.18 -17.21 5.42
N ASN B 278 6.05 -18.17 5.79
CA ASN B 278 6.16 -19.40 5.00
C ASN B 278 4.90 -20.23 5.01
N ASP B 279 3.94 -19.93 5.89
CA ASP B 279 2.61 -20.53 5.78
C ASP B 279 2.01 -20.26 4.41
N ILE B 280 2.15 -19.03 3.92
CA ILE B 280 1.60 -18.64 2.62
C ILE B 280 2.58 -18.97 1.50
N LYS B 281 3.88 -18.77 1.74
CA LYS B 281 4.87 -18.99 0.69
C LYS B 281 4.93 -20.46 0.27
N ASN B 282 4.60 -21.37 1.19
CA ASN B 282 4.59 -22.80 0.91
C ASN B 282 3.18 -23.35 0.80
N HIS B 283 2.28 -22.58 0.19
CA HIS B 283 0.93 -23.04 -0.08
C HIS B 283 0.85 -23.65 -1.49
N LYS B 284 -0.13 -24.53 -1.68
CA LYS B 284 -0.30 -25.17 -2.99
C LYS B 284 -0.60 -24.17 -4.09
N TRP B 285 -1.12 -22.99 -3.73
CA TRP B 285 -1.40 -21.97 -4.74
C TRP B 285 -0.13 -21.27 -5.21
N PHE B 286 0.85 -21.11 -4.33
CA PHE B 286 2.12 -20.47 -4.66
C PHE B 286 3.21 -21.48 -5.01
N ALA B 287 2.84 -22.64 -5.57
CA ALA B 287 3.83 -23.64 -5.92
C ALA B 287 4.70 -23.18 -7.09
N THR B 288 4.11 -22.50 -8.06
CA THR B 288 4.82 -22.03 -9.23
C THR B 288 5.66 -20.78 -8.96
N THR B 289 5.61 -20.24 -7.75
CA THR B 289 6.25 -18.97 -7.43
C THR B 289 7.69 -19.22 -6.98
N ASP B 290 8.64 -18.62 -7.70
CA ASP B 290 10.04 -18.59 -7.28
C ASP B 290 10.24 -17.27 -6.55
N TRP B 291 10.28 -17.33 -5.21
CA TRP B 291 10.29 -16.12 -4.40
C TRP B 291 11.60 -15.36 -4.53
N ILE B 292 12.72 -16.06 -4.72
CA ILE B 292 14.00 -15.38 -4.87
C ILE B 292 14.03 -14.60 -6.17
N ALA B 293 13.48 -15.16 -7.24
CA ALA B 293 13.43 -14.45 -8.51
C ALA B 293 12.47 -13.27 -8.46
N ILE B 294 11.37 -13.39 -7.72
CA ILE B 294 10.43 -12.29 -7.58
C ILE B 294 11.10 -11.10 -6.90
N TYR B 295 11.81 -11.36 -5.80
CA TYR B 295 12.51 -10.30 -5.08
C TYR B 295 13.57 -9.65 -5.96
N GLN B 296 14.36 -10.47 -6.66
CA GLN B 296 15.36 -9.95 -7.59
C GLN B 296 14.73 -9.45 -8.89
N ARG B 297 13.43 -9.63 -9.07
CA ARG B 297 12.67 -9.05 -10.18
C ARG B 297 13.14 -9.60 -11.54
N LYS B 298 13.49 -10.88 -11.57
CA LYS B 298 13.88 -11.51 -12.82
C LYS B 298 12.83 -12.52 -13.27
N VAL B 299 11.58 -12.07 -13.39
CA VAL B 299 10.46 -12.90 -13.83
C VAL B 299 9.69 -12.15 -14.91
N GLU B 300 9.32 -12.85 -15.97
CA GLU B 300 8.53 -12.25 -17.04
C GLU B 300 7.18 -11.78 -16.51
N ALA B 301 6.93 -10.48 -16.62
CA ALA B 301 5.69 -9.93 -16.13
C ALA B 301 4.54 -10.32 -17.06
N PRO B 302 3.38 -10.70 -16.51
CA PRO B 302 2.26 -11.11 -17.37
C PRO B 302 1.57 -9.96 -18.09
N PHE B 303 1.94 -8.72 -17.79
CA PHE B 303 1.32 -7.55 -18.41
C PHE B 303 2.18 -6.31 -18.17
N ILE B 304 2.65 -5.70 -19.26
CA ILE B 304 3.46 -4.49 -19.21
C ILE B 304 2.64 -3.35 -19.80
N PRO B 305 2.43 -2.26 -19.07
CA PRO B 305 1.54 -1.19 -19.56
C PRO B 305 2.08 -0.53 -20.82
N LYS B 306 1.18 0.18 -21.50
CA LYS B 306 1.55 0.91 -22.70
C LYS B 306 2.40 2.11 -22.32
N PHE B 307 3.59 2.21 -22.90
CA PHE B 307 4.54 3.26 -22.56
C PHE B 307 5.44 3.57 -23.77
N GLY B 311 8.85 11.33 -20.29
CA GLY B 311 7.86 10.79 -19.36
C GLY B 311 6.44 10.94 -19.85
N ASP B 312 5.78 9.81 -20.06
CA ASP B 312 4.40 9.79 -20.55
C ASP B 312 3.45 9.55 -19.39
N THR B 313 2.50 10.47 -19.21
CA THR B 313 1.44 10.31 -18.22
C THR B 313 0.19 9.69 -18.86
N SER B 314 0.40 8.63 -19.63
CA SER B 314 -0.65 8.10 -20.49
C SER B 314 -1.67 7.26 -19.74
N ASN B 315 -1.27 6.56 -18.68
CA ASN B 315 -2.18 5.66 -17.99
C ASN B 315 -3.02 6.35 -16.92
N PHE B 316 -2.57 7.47 -16.37
CA PHE B 316 -3.35 8.17 -15.37
C PHE B 316 -4.43 9.02 -16.04
N ASP B 317 -5.38 9.48 -15.23
CA ASP B 317 -6.49 10.29 -15.72
C ASP B 317 -6.57 11.63 -14.98
N SER B 327 0.81 32.71 3.66
CA SER B 327 1.93 33.62 3.87
C SER B 327 3.26 32.93 3.62
N ILE B 328 4.29 33.70 3.29
CA ILE B 328 5.63 33.17 3.14
C ILE B 328 6.32 33.02 4.50
N ASN B 329 5.80 33.69 5.53
CA ASN B 329 6.35 33.51 6.87
C ASN B 329 6.14 32.08 7.35
N GLU B 330 7.10 31.57 8.11
CA GLU B 330 7.02 30.20 8.60
C GLU B 330 5.82 30.03 9.53
N LYS B 331 4.98 29.04 9.22
CA LYS B 331 3.77 28.77 9.97
C LYS B 331 3.79 27.32 10.44
N CYS B 332 3.60 27.12 11.75
CA CYS B 332 3.65 25.80 12.37
C CYS B 332 4.95 25.07 12.06
N GLY B 333 6.04 25.83 11.84
CA GLY B 333 7.28 25.22 11.39
C GLY B 333 7.89 24.30 12.44
N LYS B 334 7.91 24.73 13.69
CA LYS B 334 8.49 23.93 14.75
C LYS B 334 7.72 22.62 14.98
N GLU B 335 6.44 22.58 14.59
CA GLU B 335 5.68 21.33 14.69
C GLU B 335 6.23 20.25 13.76
N PHE B 336 7.03 20.63 12.77
CA PHE B 336 7.64 19.69 11.83
C PHE B 336 9.16 19.86 11.83
N THR B 337 9.74 20.08 13.01
CA THR B 337 11.19 20.18 13.12
C THR B 337 11.87 18.85 12.80
N GLU B 338 11.27 17.74 13.24
CA GLU B 338 11.80 16.43 12.90
C GLU B 338 11.86 16.23 11.39
N PHE B 339 10.80 16.61 10.69
CA PHE B 339 10.81 16.67 9.24
C PHE B 339 11.74 17.81 8.81
MG MG C . -6.40 8.08 -0.49
MG MG D . -4.81 5.86 -2.70
PG ANP E . -6.11 9.54 -3.35
O1G ANP E . -6.99 9.39 -2.16
O2G ANP E . -6.98 9.86 -4.62
O3G ANP E . -5.32 8.19 -3.60
PB ANP E . -3.94 10.47 -1.85
O1B ANP E . -4.38 9.24 -1.12
O2B ANP E . -3.90 11.67 -0.86
N3B ANP E . -5.01 10.81 -3.10
PA ANP E . -2.23 8.97 -3.36
O1A ANP E . -0.77 8.79 -3.57
O2A ANP E . -2.89 7.77 -2.67
O3A ANP E . -2.52 10.24 -2.44
O5' ANP E . -2.91 9.30 -4.76
C5' ANP E . -2.71 10.57 -5.41
C4' ANP E . -2.63 10.36 -6.90
O4' ANP E . -1.25 10.45 -7.32
C3' ANP E . -3.15 9.03 -7.42
O3' ANP E . -3.82 9.18 -8.67
C2' ANP E . -1.88 8.18 -7.55
O2' ANP E . -2.00 7.20 -8.58
C1' ANP E . -0.85 9.23 -7.94
N9 ANP E . 0.50 8.93 -7.49
C8 ANP E . 0.97 8.97 -6.20
N7 ANP E . 2.23 8.63 -6.07
C5 ANP E . 2.63 8.36 -7.37
C6 ANP E . 3.86 7.96 -7.93
N6 ANP E . 4.97 7.75 -7.21
N1 ANP E . 3.91 7.78 -9.26
C2 ANP E . 2.82 7.99 -9.99
N3 ANP E . 1.60 8.37 -9.59
C4 ANP E . 1.57 8.54 -8.25
#